data_1WCH
#
_entry.id   1WCH
#
_cell.length_a   99.707
_cell.length_b   59.193
_cell.length_c   66.075
_cell.angle_alpha   90.00
_cell.angle_beta   113.05
_cell.angle_gamma   90.00
#
_symmetry.space_group_name_H-M   'C 1 2 1'
#
loop_
_entity.id
_entity.type
_entity.pdbx_description
1 polymer 'PROTEIN TYROSINE PHOSPHATASE, NON-RECEPTOR TYPE 13'
2 non-polymer 'PHOSPHATE ION'
3 water water
#
_entity_poly.entity_id   1
_entity_poly.type   'polypeptide(L)'
_entity_poly.pdbx_seq_one_letter_code
;HEDSDKDHSFLTNDELAVLPVVKVLPSGKYTGANLKSVIRVLRGLLDQGIPSKELENLQELKPLDQCLIGQTKENRRKNR
YKNILPYDATRVPLGDEGGYINASFIKIPVGKEEFVYIACQGPLPTTVGDFWQMIWEQKSTVIAMMTQEVEGEKIKCQRY
WPNILGKTTMVSNRLRLALVRMQQLKGFVVRAMTLEDIQTREVRHISHLNFTAWPDHDTPSQPDDLLTFISYMRHIHRSG
PIITHCSAGIGRSGTLICIDVVLGLISQDLDFDISDLVRCMRLQRHGMVQTEDQYIFCYQVILYVLTRLQAEEEQ
;
_entity_poly.pdbx_strand_id   A
#
# COMPACT_ATOMS: atom_id res chain seq x y z
N HIS A 8 19.54 -16.19 -5.82
CA HIS A 8 19.12 -15.70 -7.16
C HIS A 8 19.68 -14.32 -7.51
N SER A 9 19.52 -13.94 -8.76
CA SER A 9 20.04 -12.66 -9.20
C SER A 9 19.36 -11.45 -8.57
N PHE A 10 20.10 -10.34 -8.60
CA PHE A 10 19.57 -9.08 -8.10
C PHE A 10 18.54 -8.68 -9.14
N LEU A 11 17.53 -7.93 -8.71
CA LEU A 11 16.49 -7.46 -9.61
C LEU A 11 17.14 -6.55 -10.66
N THR A 12 16.85 -6.82 -11.93
CA THR A 12 17.39 -6.00 -13.00
C THR A 12 16.33 -5.07 -13.57
N ASN A 13 16.77 -3.96 -14.15
CA ASN A 13 15.86 -3.01 -14.75
C ASN A 13 15.10 -3.68 -15.88
N ASP A 14 15.79 -4.55 -16.64
CA ASP A 14 15.15 -5.27 -17.74
C ASP A 14 14.02 -6.14 -17.23
N GLU A 15 14.30 -6.87 -16.15
CA GLU A 15 13.33 -7.74 -15.51
C GLU A 15 12.11 -6.93 -15.09
N LEU A 16 12.36 -5.70 -14.66
CA LEU A 16 11.30 -4.80 -14.21
C LEU A 16 10.52 -4.17 -15.36
N ALA A 17 11.21 -3.78 -16.41
CA ALA A 17 10.58 -3.14 -17.56
C ALA A 17 9.59 -4.06 -18.27
N VAL A 18 9.82 -5.37 -18.21
CA VAL A 18 8.92 -6.30 -18.86
C VAL A 18 7.67 -6.56 -18.02
N LEU A 19 7.73 -6.28 -16.73
CA LEU A 19 6.57 -6.48 -15.86
C LEU A 19 5.47 -5.50 -16.24
N PRO A 20 4.27 -6.02 -16.52
CA PRO A 20 3.13 -5.16 -16.89
C PRO A 20 2.57 -4.33 -15.74
N VAL A 21 2.36 -3.04 -16.02
CA VAL A 21 1.76 -2.11 -15.07
C VAL A 21 0.26 -2.38 -15.20
N VAL A 22 -0.15 -2.67 -16.43
CA VAL A 22 -1.54 -2.98 -16.76
C VAL A 22 -1.49 -4.04 -17.86
N LYS A 23 -2.49 -4.92 -17.87
CA LYS A 23 -2.58 -5.97 -18.88
C LYS A 23 -3.27 -5.38 -20.10
N VAL A 24 -2.54 -5.30 -21.21
CA VAL A 24 -3.08 -4.75 -22.44
C VAL A 24 -3.97 -5.76 -23.17
N LEU A 25 -5.20 -5.35 -23.47
CA LEU A 25 -6.15 -6.22 -24.15
C LEU A 25 -6.26 -5.82 -25.62
N PRO A 26 -6.78 -6.74 -26.46
CA PRO A 26 -6.94 -6.50 -27.90
C PRO A 26 -7.84 -5.31 -28.23
N SER A 27 -8.87 -5.10 -27.43
CA SER A 27 -9.80 -4.00 -27.65
C SER A 27 -10.41 -3.57 -26.31
N GLY A 28 -11.69 -3.22 -26.31
CA GLY A 28 -12.33 -2.81 -25.07
C GLY A 28 -12.37 -1.31 -24.82
N LYS A 29 -12.49 -0.96 -23.55
CA LYS A 29 -12.57 0.44 -23.17
C LYS A 29 -11.24 1.17 -23.25
N TYR A 30 -10.13 0.43 -23.27
CA TYR A 30 -8.80 1.05 -23.24
C TYR A 30 -7.88 0.82 -24.45
N THR A 31 -8.45 0.86 -25.64
CA THR A 31 -7.67 0.68 -26.86
C THR A 31 -8.28 1.62 -27.93
N GLY A 32 -7.49 2.04 -28.90
CA GLY A 32 -8.02 2.87 -29.98
C GLY A 32 -8.86 4.10 -29.63
N ALA A 33 -9.95 4.29 -30.38
CA ALA A 33 -10.82 5.44 -30.17
C ALA A 33 -11.35 5.50 -28.75
N ASN A 34 -11.68 4.35 -28.17
CA ASN A 34 -12.19 4.34 -26.81
C ASN A 34 -11.13 4.84 -25.83
N LEU A 35 -9.89 4.42 -26.01
CA LEU A 35 -8.81 4.88 -25.12
C LEU A 35 -8.65 6.39 -25.24
N LYS A 36 -8.71 6.91 -26.46
CA LYS A 36 -8.58 8.35 -26.65
C LYS A 36 -9.71 9.06 -25.91
N SER A 37 -10.90 8.47 -25.95
CA SER A 37 -12.05 9.06 -25.27
C SER A 37 -11.85 9.09 -23.77
N VAL A 38 -11.31 8.02 -23.20
CA VAL A 38 -11.05 7.98 -21.75
C VAL A 38 -10.00 9.03 -21.36
N ILE A 39 -8.97 9.18 -22.19
CA ILE A 39 -7.93 10.16 -21.92
C ILE A 39 -8.54 11.56 -21.94
N ARG A 40 -9.36 11.84 -22.95
CA ARG A 40 -10.04 13.13 -23.09
C ARG A 40 -10.87 13.45 -21.83
N VAL A 41 -11.60 12.44 -21.34
CA VAL A 41 -12.43 12.59 -20.16
C VAL A 41 -11.61 12.92 -18.92
N LEU A 42 -10.56 12.14 -18.70
CA LEU A 42 -9.70 12.35 -17.54
C LEU A 42 -9.02 13.72 -17.61
N ARG A 43 -8.53 14.08 -18.78
CA ARG A 43 -7.89 15.38 -18.88
C ARG A 43 -8.93 16.46 -18.58
N GLY A 44 -10.16 16.24 -19.08
CA GLY A 44 -11.24 17.20 -18.86
C GLY A 44 -11.54 17.40 -17.38
N LEU A 45 -11.55 16.30 -16.63
CA LEU A 45 -11.81 16.37 -15.20
C LEU A 45 -10.73 17.14 -14.45
N LEU A 46 -9.47 16.87 -14.76
CA LEU A 46 -8.36 17.55 -14.11
C LEU A 46 -8.35 19.03 -14.46
N ASP A 47 -8.65 19.32 -15.72
CA ASP A 47 -8.67 20.70 -16.20
C ASP A 47 -9.74 21.53 -15.47
N GLN A 48 -10.85 20.91 -15.13
CA GLN A 48 -11.93 21.63 -14.46
C GLN A 48 -11.88 21.51 -12.94
N GLY A 49 -10.82 20.90 -12.41
CA GLY A 49 -10.68 20.75 -10.96
C GLY A 49 -11.71 19.84 -10.29
N ILE A 50 -12.25 18.89 -11.04
CA ILE A 50 -13.26 17.99 -10.47
C ILE A 50 -12.69 17.13 -9.35
N PRO A 51 -11.49 16.55 -9.52
CA PRO A 51 -10.93 15.72 -8.44
C PRO A 51 -10.91 16.44 -7.09
N SER A 52 -10.47 17.70 -7.08
CA SER A 52 -10.44 18.49 -5.85
C SER A 52 -11.83 18.56 -5.22
N LYS A 53 -12.85 18.74 -6.05
CA LYS A 53 -14.22 18.82 -5.55
C LYS A 53 -14.68 17.49 -5.01
N GLU A 54 -14.30 16.40 -5.66
CA GLU A 54 -14.68 15.09 -5.17
C GLU A 54 -14.10 14.89 -3.77
N LEU A 55 -12.81 15.17 -3.61
CA LEU A 55 -12.19 14.99 -2.31
C LEU A 55 -12.90 15.80 -1.24
N GLU A 56 -13.24 17.04 -1.58
CA GLU A 56 -13.94 17.91 -0.64
C GLU A 56 -15.22 17.23 -0.13
N ASN A 57 -15.93 16.57 -1.02
CA ASN A 57 -17.16 15.86 -0.64
C ASN A 57 -16.84 14.62 0.21
N LEU A 58 -15.76 13.92 -0.12
CA LEU A 58 -15.35 12.72 0.62
C LEU A 58 -14.93 13.01 2.06
N GLN A 59 -14.37 14.18 2.32
CA GLN A 59 -13.95 14.54 3.67
C GLN A 59 -15.17 14.82 4.54
N GLU A 60 -16.35 14.80 3.91
CA GLU A 60 -17.61 15.02 4.60
C GLU A 60 -18.27 13.69 4.97
N LEU A 61 -17.60 12.61 4.61
CA LEU A 61 -18.09 11.25 4.87
C LEU A 61 -17.91 10.92 6.37
N LYS A 62 -18.97 10.46 7.01
CA LYS A 62 -18.91 10.11 8.43
C LYS A 62 -18.19 8.78 8.69
N PRO A 63 -17.51 8.68 9.84
CA PRO A 63 -16.76 7.49 10.26
C PRO A 63 -17.62 6.25 10.38
N LEU A 64 -17.00 5.08 10.17
CA LEU A 64 -17.72 3.82 10.29
C LEU A 64 -18.13 3.67 11.75
N ASP A 65 -17.16 3.76 12.65
CA ASP A 65 -17.43 3.69 14.08
C ASP A 65 -16.53 4.63 14.88
N GLN A 66 -16.61 4.57 16.20
CA GLN A 66 -15.83 5.47 17.03
C GLN A 66 -14.40 5.07 17.40
N CYS A 67 -13.90 3.95 16.90
CA CYS A 67 -12.53 3.55 17.22
C CYS A 67 -12.31 3.53 18.73
N LEU A 68 -13.16 2.81 19.44
CA LEU A 68 -13.09 2.74 20.88
C LEU A 68 -11.90 1.95 21.42
N ILE A 69 -11.64 0.79 20.85
CA ILE A 69 -10.55 -0.06 21.33
C ILE A 69 -9.17 0.62 21.28
N GLY A 70 -8.90 1.36 20.21
CA GLY A 70 -7.61 2.02 20.11
C GLY A 70 -7.44 3.19 21.06
N GLN A 71 -8.55 3.60 21.67
CA GLN A 71 -8.57 4.72 22.59
C GLN A 71 -8.48 4.36 24.08
N THR A 72 -8.44 3.08 24.42
CA THR A 72 -8.35 2.71 25.81
C THR A 72 -7.00 3.16 26.36
N LYS A 73 -6.90 3.36 27.67
CA LYS A 73 -5.66 3.81 28.28
C LYS A 73 -4.52 2.81 28.06
N GLU A 74 -4.86 1.53 27.98
CA GLU A 74 -3.83 0.53 27.77
C GLU A 74 -3.38 0.51 26.31
N ASN A 75 -4.23 1.01 25.40
CA ASN A 75 -3.89 0.99 23.97
C ASN A 75 -3.39 2.29 23.39
N ARG A 76 -3.83 3.41 23.95
CA ARG A 76 -3.43 4.73 23.48
C ARG A 76 -1.92 4.76 23.16
N ARG A 77 -1.12 4.14 24.03
CA ARG A 77 0.33 4.12 23.86
C ARG A 77 0.83 3.32 22.65
N LYS A 78 -0.05 2.55 22.03
CA LYS A 78 0.30 1.73 20.87
C LYS A 78 0.01 2.46 19.57
N ASN A 79 -0.40 3.72 19.68
CA ASN A 79 -0.69 4.53 18.51
C ASN A 79 0.38 5.59 18.27
N ARG A 80 0.85 5.66 17.03
CA ARG A 80 1.87 6.64 16.69
C ARG A 80 1.22 8.03 16.76
N TYR A 81 -0.02 8.14 16.32
CA TYR A 81 -0.76 9.39 16.34
C TYR A 81 -2.09 9.15 17.08
N LYS A 82 -2.30 9.91 18.16
CA LYS A 82 -3.51 9.77 18.97
C LYS A 82 -4.84 9.86 18.21
N ASN A 83 -4.86 10.56 17.09
CA ASN A 83 -6.09 10.73 16.33
C ASN A 83 -6.24 9.88 15.06
N ILE A 84 -5.24 9.06 14.77
CA ILE A 84 -5.31 8.22 13.57
C ILE A 84 -5.42 6.80 14.10
N LEU A 85 -6.65 6.31 14.10
CA LEU A 85 -6.99 5.00 14.67
C LEU A 85 -7.77 4.13 13.72
N PRO A 86 -7.72 2.82 13.95
CA PRO A 86 -8.46 1.90 13.11
C PRO A 86 -9.89 1.86 13.67
N TYR A 87 -10.87 1.59 12.83
CA TYR A 87 -12.25 1.43 13.34
C TYR A 87 -12.25 0.11 14.10
N ASP A 88 -13.16 -0.04 15.04
CA ASP A 88 -13.24 -1.29 15.78
C ASP A 88 -13.66 -2.44 14.86
N ALA A 89 -14.67 -2.18 14.03
CA ALA A 89 -15.21 -3.18 13.12
C ALA A 89 -14.23 -3.84 12.18
N THR A 90 -13.31 -3.06 11.62
CA THR A 90 -12.35 -3.63 10.67
C THR A 90 -10.89 -3.73 11.13
N ARG A 91 -10.67 -3.64 12.45
CA ARG A 91 -9.31 -3.71 12.99
C ARG A 91 -8.73 -5.11 12.83
N VAL A 92 -7.41 -5.21 12.77
CA VAL A 92 -6.76 -6.52 12.68
C VAL A 92 -6.47 -6.89 14.14
N PRO A 93 -6.97 -8.06 14.59
CA PRO A 93 -6.76 -8.51 15.97
C PRO A 93 -5.44 -9.28 16.11
N LEU A 94 -4.91 -9.35 17.31
CA LEU A 94 -3.68 -10.08 17.56
C LEU A 94 -3.92 -11.28 18.45
N GLY A 95 -3.59 -12.47 17.97
CA GLY A 95 -3.76 -13.68 18.76
C GLY A 95 -5.18 -14.02 19.11
N ASP A 96 -5.35 -15.14 19.81
CA ASP A 96 -6.68 -15.60 20.21
C ASP A 96 -7.32 -14.61 21.16
N GLU A 97 -6.48 -13.88 21.89
CA GLU A 97 -6.98 -12.91 22.86
C GLU A 97 -7.51 -11.61 22.23
N GLY A 98 -7.25 -11.42 20.93
CA GLY A 98 -7.73 -10.19 20.28
C GLY A 98 -6.97 -8.95 20.74
N GLY A 99 -5.66 -9.08 20.92
CA GLY A 99 -4.83 -7.97 21.35
C GLY A 99 -4.93 -6.84 20.32
N TYR A 100 -4.51 -5.63 20.69
CA TYR A 100 -4.62 -4.48 19.79
C TYR A 100 -3.39 -4.03 19.02
N ILE A 101 -3.60 -3.72 17.73
CA ILE A 101 -2.57 -3.15 16.87
C ILE A 101 -3.26 -2.13 15.95
N ASN A 102 -2.61 -1.01 15.70
CA ASN A 102 -3.18 0.04 14.86
C ASN A 102 -3.03 -0.43 13.41
N ALA A 103 -3.99 -1.22 12.97
CA ALA A 103 -3.99 -1.78 11.63
C ALA A 103 -5.43 -2.11 11.25
N SER A 104 -5.77 -1.94 9.98
CA SER A 104 -7.12 -2.21 9.51
C SER A 104 -7.10 -3.03 8.25
N PHE A 105 -8.06 -3.94 8.12
CA PHE A 105 -8.19 -4.73 6.89
C PHE A 105 -8.87 -3.80 5.87
N ILE A 106 -8.41 -3.81 4.63
CA ILE A 106 -9.05 -3.03 3.58
C ILE A 106 -9.19 -4.00 2.41
N LYS A 107 -10.43 -4.26 2.00
CA LYS A 107 -10.68 -5.19 0.91
C LYS A 107 -11.45 -4.48 -0.18
N ILE A 108 -11.07 -4.70 -1.43
CA ILE A 108 -11.76 -4.02 -2.52
C ILE A 108 -12.02 -5.02 -3.63
N PRO A 109 -13.28 -5.15 -4.10
CA PRO A 109 -13.54 -6.09 -5.18
C PRO A 109 -12.90 -5.45 -6.42
N VAL A 110 -12.23 -6.25 -7.22
CA VAL A 110 -11.58 -5.77 -8.44
C VAL A 110 -12.00 -6.75 -9.54
N GLY A 111 -13.21 -6.57 -10.07
CA GLY A 111 -13.70 -7.47 -11.10
C GLY A 111 -13.86 -8.86 -10.51
N LYS A 112 -13.19 -9.85 -11.10
CA LYS A 112 -13.30 -11.22 -10.60
C LYS A 112 -12.29 -11.50 -9.49
N GLU A 113 -11.47 -10.49 -9.17
CA GLU A 113 -10.46 -10.61 -8.13
C GLU A 113 -10.88 -9.74 -6.96
N GLU A 114 -10.16 -9.87 -5.87
CA GLU A 114 -10.41 -9.03 -4.71
C GLU A 114 -9.03 -8.67 -4.18
N PHE A 115 -8.77 -7.39 -4.01
CA PHE A 115 -7.49 -6.95 -3.51
C PHE A 115 -7.62 -6.77 -2.03
N VAL A 116 -6.79 -7.50 -1.27
CA VAL A 116 -6.86 -7.40 0.17
C VAL A 116 -5.58 -6.85 0.77
N TYR A 117 -5.75 -5.82 1.59
CA TYR A 117 -4.65 -5.17 2.26
C TYR A 117 -4.90 -5.03 3.74
N ILE A 118 -3.81 -4.78 4.45
CA ILE A 118 -3.89 -4.44 5.86
C ILE A 118 -3.15 -3.13 5.84
N ALA A 119 -3.86 -2.03 6.08
CA ALA A 119 -3.23 -0.71 6.12
C ALA A 119 -2.99 -0.43 7.59
N CYS A 120 -1.74 -0.14 7.94
CA CYS A 120 -1.41 0.12 9.33
C CYS A 120 -0.41 1.23 9.48
N GLN A 121 -0.20 1.66 10.72
CA GLN A 121 0.77 2.72 10.98
C GLN A 121 2.14 2.06 10.95
N GLY A 122 3.18 2.87 10.76
CA GLY A 122 4.52 2.33 10.80
C GLY A 122 4.69 1.92 12.26
N PRO A 123 5.21 0.73 12.53
CA PRO A 123 5.45 0.16 13.87
C PRO A 123 6.29 1.05 14.75
N LEU A 124 5.96 1.04 16.05
CA LEU A 124 6.70 1.81 17.04
C LEU A 124 7.71 0.86 17.68
N PRO A 125 8.73 1.42 18.35
CA PRO A 125 9.71 0.55 18.99
C PRO A 125 9.01 -0.47 19.88
N THR A 126 7.90 -0.07 20.49
CA THR A 126 7.19 -0.96 21.41
C THR A 126 6.16 -1.87 20.74
N THR A 127 5.99 -1.77 19.43
CA THR A 127 5.02 -2.63 18.75
C THR A 127 5.65 -3.48 17.64
N VAL A 128 6.98 -3.54 17.62
CA VAL A 128 7.68 -4.36 16.62
C VAL A 128 7.21 -5.81 16.69
N GLY A 129 7.15 -6.35 17.91
CA GLY A 129 6.69 -7.72 18.10
C GLY A 129 5.26 -7.92 17.63
N ASP A 130 4.39 -6.98 18.00
CA ASP A 130 2.98 -7.01 17.61
C ASP A 130 2.83 -7.06 16.08
N PHE A 131 3.61 -6.22 15.41
CA PHE A 131 3.59 -6.12 13.96
C PHE A 131 3.93 -7.48 13.33
N TRP A 132 5.02 -8.08 13.76
CA TRP A 132 5.40 -9.36 13.18
C TRP A 132 4.41 -10.47 13.55
N GLN A 133 3.80 -10.37 14.73
CA GLN A 133 2.79 -11.36 15.13
C GLN A 133 1.66 -11.30 14.10
N MET A 134 1.22 -10.08 13.79
CA MET A 134 0.16 -9.85 12.81
C MET A 134 0.53 -10.42 11.44
N ILE A 135 1.75 -10.15 10.98
CA ILE A 135 2.17 -10.66 9.70
C ILE A 135 2.11 -12.18 9.68
N TRP A 136 2.56 -12.81 10.76
CA TRP A 136 2.50 -14.27 10.80
C TRP A 136 1.06 -14.79 10.83
N GLU A 137 0.25 -14.23 11.71
CA GLU A 137 -1.12 -14.69 11.86
C GLU A 137 -2.00 -14.45 10.64
N GLN A 138 -1.76 -13.34 9.96
CA GLN A 138 -2.54 -13.00 8.79
C GLN A 138 -1.98 -13.61 7.51
N LYS A 139 -0.87 -14.32 7.65
CA LYS A 139 -0.22 -14.99 6.54
C LYS A 139 0.18 -14.09 5.38
N SER A 140 0.72 -12.92 5.72
CA SER A 140 1.18 -12.00 4.68
C SER A 140 2.64 -12.34 4.35
N THR A 141 3.02 -12.23 3.08
CA THR A 141 4.41 -12.46 2.70
C THR A 141 4.93 -11.26 1.90
N VAL A 142 4.14 -10.20 1.82
CA VAL A 142 4.54 -8.98 1.08
C VAL A 142 4.19 -7.74 1.90
N ILE A 143 5.20 -6.88 2.13
CA ILE A 143 5.01 -5.64 2.88
C ILE A 143 5.41 -4.49 1.96
N ALA A 144 4.53 -3.50 1.83
CA ALA A 144 4.83 -2.35 1.02
C ALA A 144 4.94 -1.20 1.99
N MET A 145 6.19 -0.81 2.30
CA MET A 145 6.47 0.30 3.22
C MET A 145 6.70 1.55 2.37
N MET A 146 5.72 2.46 2.42
CA MET A 146 5.74 3.67 1.59
C MET A 146 6.27 4.92 2.25
N THR A 147 7.28 4.75 3.09
CA THR A 147 7.87 5.86 3.81
C THR A 147 9.32 5.53 4.10
N GLN A 148 10.11 6.55 4.41
CA GLN A 148 11.48 6.32 4.83
C GLN A 148 11.33 6.31 6.34
N GLU A 149 12.31 5.75 7.04
CA GLU A 149 12.27 5.71 8.49
C GLU A 149 12.25 7.11 9.07
N VAL A 150 13.07 7.97 8.49
CA VAL A 150 13.17 9.34 8.92
C VAL A 150 13.13 10.21 7.67
N GLU A 151 12.42 11.33 7.74
CA GLU A 151 12.35 12.25 6.61
C GLU A 151 12.63 13.61 7.17
N GLY A 152 13.74 14.20 6.72
CA GLY A 152 14.14 15.51 7.23
C GLY A 152 14.49 15.28 8.70
N GLU A 153 13.89 16.07 9.58
CA GLU A 153 14.15 15.95 11.01
C GLU A 153 13.03 15.17 11.69
N LYS A 154 12.15 14.54 10.90
CA LYS A 154 11.02 13.83 11.47
C LYS A 154 11.07 12.31 11.38
N ILE A 155 10.71 11.67 12.49
CA ILE A 155 10.66 10.22 12.56
C ILE A 155 9.35 9.82 11.92
N LYS A 156 9.39 8.88 10.98
CA LYS A 156 8.19 8.40 10.31
C LYS A 156 7.88 6.97 10.67
N CYS A 157 8.94 6.16 10.83
CA CYS A 157 8.74 4.76 11.16
C CYS A 157 10.05 4.15 11.67
N GLN A 158 9.95 3.46 12.80
CA GLN A 158 11.13 2.84 13.38
C GLN A 158 11.50 1.57 12.60
N ARG A 159 12.79 1.36 12.35
CA ARG A 159 13.19 0.15 11.63
C ARG A 159 12.79 -1.01 12.51
N TYR A 160 12.05 -1.94 11.91
CA TYR A 160 11.56 -3.10 12.64
C TYR A 160 12.14 -4.43 12.15
N TRP A 161 13.29 -4.36 11.47
CA TRP A 161 13.99 -5.54 10.98
C TRP A 161 15.48 -5.39 11.34
N PRO A 162 16.23 -6.50 11.37
CA PRO A 162 17.66 -6.37 11.72
C PRO A 162 18.37 -5.62 10.60
N ASN A 163 19.33 -4.76 10.92
CA ASN A 163 20.04 -4.04 9.87
C ASN A 163 21.33 -4.74 9.45
N ILE A 164 21.65 -5.84 10.09
CA ILE A 164 22.86 -6.59 9.76
C ILE A 164 22.48 -7.89 9.05
N LEU A 165 22.96 -8.03 7.81
CA LEU A 165 22.70 -9.21 7.00
C LEU A 165 22.96 -10.50 7.73
N GLY A 166 22.01 -11.42 7.64
CA GLY A 166 22.18 -12.73 8.24
C GLY A 166 22.00 -12.93 9.72
N LYS A 167 21.90 -11.86 10.51
CA LYS A 167 21.76 -12.02 11.95
C LYS A 167 20.29 -12.19 12.35
N THR A 168 19.96 -13.33 12.96
CA THR A 168 18.58 -13.55 13.39
C THR A 168 18.33 -12.91 14.74
N THR A 169 17.07 -12.58 14.98
CA THR A 169 16.68 -11.98 16.24
C THR A 169 15.27 -12.41 16.57
N MET A 170 14.97 -12.58 17.87
CA MET A 170 13.63 -12.96 18.27
C MET A 170 12.83 -11.66 18.42
N VAL A 171 11.84 -11.44 17.54
CA VAL A 171 11.02 -10.23 17.66
C VAL A 171 9.86 -10.49 18.60
N SER A 172 9.66 -11.75 18.96
CA SER A 172 8.62 -12.16 19.90
C SER A 172 9.07 -13.49 20.50
N ASN A 173 8.35 -13.98 21.50
CA ASN A 173 8.71 -15.26 22.11
C ASN A 173 8.77 -16.40 21.09
N ARG A 174 7.93 -16.34 20.07
CA ARG A 174 7.88 -17.40 19.07
C ARG A 174 8.51 -17.09 17.71
N LEU A 175 8.55 -15.81 17.34
CA LEU A 175 9.05 -15.44 16.03
C LEU A 175 10.48 -14.96 15.91
N ARG A 176 11.23 -15.61 15.02
CA ARG A 176 12.63 -15.25 14.78
C ARG A 176 12.71 -14.63 13.40
N LEU A 177 13.32 -13.45 13.33
CA LEU A 177 13.43 -12.69 12.09
C LEU A 177 14.86 -12.49 11.65
N ALA A 178 15.08 -12.63 10.35
CA ALA A 178 16.40 -12.42 9.79
C ALA A 178 16.31 -11.66 8.47
N LEU A 179 17.30 -10.82 8.21
CA LEU A 179 17.40 -10.09 6.95
C LEU A 179 18.39 -10.94 6.15
N VAL A 180 17.94 -11.47 5.02
CA VAL A 180 18.83 -12.30 4.21
C VAL A 180 19.31 -11.59 2.97
N ARG A 181 18.61 -10.55 2.53
CA ARG A 181 19.01 -9.81 1.35
C ARG A 181 18.44 -8.40 1.25
N MET A 182 19.25 -7.47 0.77
CA MET A 182 18.85 -6.08 0.60
C MET A 182 19.35 -5.63 -0.77
N GLN A 183 18.45 -5.07 -1.57
CA GLN A 183 18.83 -4.57 -2.89
C GLN A 183 18.34 -3.14 -3.03
N GLN A 184 19.19 -2.28 -3.58
CA GLN A 184 18.86 -0.89 -3.79
C GLN A 184 18.50 -0.65 -5.26
N LEU A 185 17.28 -0.18 -5.50
CA LEU A 185 16.80 0.13 -6.84
C LEU A 185 16.57 1.62 -6.90
N LYS A 186 16.09 2.11 -8.04
CA LYS A 186 15.83 3.54 -8.16
C LYS A 186 14.50 3.84 -7.47
N GLY A 187 14.54 4.60 -6.38
CA GLY A 187 13.30 4.96 -5.69
C GLY A 187 12.76 3.97 -4.67
N PHE A 188 13.33 2.76 -4.64
CA PHE A 188 12.88 1.79 -3.66
C PHE A 188 13.92 0.74 -3.33
N VAL A 189 13.69 0.06 -2.22
CA VAL A 189 14.58 -0.97 -1.69
C VAL A 189 13.80 -2.27 -1.56
N VAL A 190 14.44 -3.38 -1.94
CA VAL A 190 13.79 -4.67 -1.79
C VAL A 190 14.61 -5.48 -0.79
N ARG A 191 13.96 -5.90 0.29
CA ARG A 191 14.64 -6.67 1.31
C ARG A 191 13.94 -8.03 1.40
N ALA A 192 14.74 -9.09 1.50
CA ALA A 192 14.20 -10.43 1.67
C ALA A 192 14.43 -10.78 3.13
N MET A 193 13.37 -11.23 3.80
CA MET A 193 13.46 -11.60 5.21
C MET A 193 12.90 -13.01 5.40
N THR A 194 13.29 -13.66 6.48
CA THR A 194 12.78 -14.96 6.80
C THR A 194 12.13 -14.75 8.16
N LEU A 195 10.99 -15.37 8.37
CA LEU A 195 10.26 -15.26 9.62
C LEU A 195 9.94 -16.69 10.01
N GLU A 196 10.40 -17.11 11.19
CA GLU A 196 10.16 -18.48 11.64
C GLU A 196 9.51 -18.61 13.00
N ASP A 197 8.60 -19.58 13.12
CA ASP A 197 7.96 -19.88 14.40
C ASP A 197 8.93 -20.95 14.89
N ILE A 198 9.75 -20.62 15.89
CA ILE A 198 10.75 -21.58 16.35
C ILE A 198 10.14 -22.81 17.03
N GLN A 199 8.86 -22.74 17.37
CA GLN A 199 8.17 -23.86 17.99
C GLN A 199 7.83 -24.92 16.96
N THR A 200 7.27 -24.48 15.84
CA THR A 200 6.89 -25.38 14.76
C THR A 200 7.98 -25.55 13.73
N ARG A 201 8.95 -24.63 13.74
CA ARG A 201 10.06 -24.67 12.79
C ARG A 201 9.63 -24.29 11.36
N GLU A 202 8.42 -23.78 11.20
CA GLU A 202 7.94 -23.34 9.88
C GLU A 202 8.65 -22.03 9.55
N VAL A 203 9.24 -21.94 8.36
CA VAL A 203 9.94 -20.73 7.94
C VAL A 203 9.24 -20.10 6.76
N ARG A 204 8.98 -18.80 6.85
CA ARG A 204 8.33 -18.12 5.75
C ARG A 204 9.27 -17.08 5.15
N HIS A 205 9.11 -16.85 3.85
CA HIS A 205 9.94 -15.88 3.15
C HIS A 205 9.11 -14.62 2.90
N ILE A 206 9.51 -13.53 3.54
CA ILE A 206 8.81 -12.26 3.45
C ILE A 206 9.51 -11.32 2.48
N SER A 207 8.76 -10.72 1.56
CA SER A 207 9.33 -9.76 0.62
C SER A 207 8.94 -8.39 1.16
N HIS A 208 9.95 -7.59 1.48
CA HIS A 208 9.72 -6.26 2.04
C HIS A 208 10.09 -5.22 0.98
N LEU A 209 9.07 -4.52 0.49
CA LEU A 209 9.24 -3.50 -0.56
C LEU A 209 9.12 -2.12 0.05
N ASN A 210 10.23 -1.39 0.05
CA ASN A 210 10.28 -0.07 0.66
C ASN A 210 10.43 1.05 -0.38
N PHE A 211 9.33 1.76 -0.64
CA PHE A 211 9.38 2.89 -1.58
C PHE A 211 9.82 4.11 -0.79
N THR A 212 10.97 4.64 -1.16
CA THR A 212 11.55 5.75 -0.40
C THR A 212 11.47 7.13 -1.02
N ALA A 213 10.96 7.21 -2.24
CA ALA A 213 10.89 8.50 -2.93
C ALA A 213 9.48 9.10 -2.85
N TRP A 214 8.86 9.03 -1.67
CA TRP A 214 7.50 9.55 -1.49
C TRP A 214 7.42 10.18 -0.10
N PRO A 215 7.62 11.50 -0.03
CA PRO A 215 7.56 12.22 1.25
C PRO A 215 6.16 12.24 1.85
N ASP A 216 6.12 12.25 3.18
CA ASP A 216 4.87 12.26 3.92
C ASP A 216 4.05 13.51 3.53
N HIS A 217 2.73 13.34 3.40
CA HIS A 217 1.80 14.40 3.03
C HIS A 217 2.09 14.96 1.64
N ASP A 218 2.87 14.22 0.86
CA ASP A 218 3.28 14.70 -0.47
C ASP A 218 2.96 13.64 -1.50
N THR A 219 3.41 13.87 -2.73
CA THR A 219 3.20 12.93 -3.82
C THR A 219 4.58 12.41 -4.20
N PRO A 220 4.65 11.28 -4.89
CA PRO A 220 5.95 10.72 -5.29
C PRO A 220 6.81 11.69 -6.09
N SER A 221 8.10 11.68 -5.81
CA SER A 221 9.02 12.54 -6.54
C SER A 221 9.45 11.76 -7.79
N GLN A 222 9.12 10.48 -7.82
CA GLN A 222 9.46 9.61 -8.94
C GLN A 222 8.26 8.74 -9.35
N PRO A 223 7.29 9.31 -10.09
CA PRO A 223 6.10 8.56 -10.52
C PRO A 223 6.35 7.30 -11.34
N ASP A 224 7.32 7.34 -12.25
CA ASP A 224 7.64 6.15 -13.01
C ASP A 224 8.14 5.05 -12.07
N ASP A 225 8.96 5.43 -11.09
CA ASP A 225 9.49 4.43 -10.16
C ASP A 225 8.40 3.82 -9.30
N LEU A 226 7.38 4.60 -8.97
CA LEU A 226 6.26 4.06 -8.20
C LEU A 226 5.52 3.03 -9.06
N LEU A 227 5.36 3.33 -10.36
CA LEU A 227 4.69 2.38 -11.24
C LEU A 227 5.48 1.07 -11.33
N THR A 228 6.80 1.19 -11.38
CA THR A 228 7.63 -0.01 -11.43
C THR A 228 7.44 -0.77 -10.13
N PHE A 229 7.50 -0.04 -9.02
CA PHE A 229 7.32 -0.62 -7.68
C PHE A 229 6.01 -1.40 -7.61
N ILE A 230 4.93 -0.77 -8.04
CA ILE A 230 3.63 -1.42 -8.04
C ILE A 230 3.60 -2.67 -8.90
N SER A 231 4.17 -2.60 -10.11
CA SER A 231 4.15 -3.78 -10.97
C SER A 231 4.96 -4.90 -10.33
N TYR A 232 5.98 -4.55 -9.56
CA TYR A 232 6.81 -5.57 -8.90
C TYR A 232 6.07 -6.19 -7.72
N MET A 233 5.38 -5.35 -6.97
CA MET A 233 4.59 -5.82 -5.84
C MET A 233 3.51 -6.79 -6.35
N ARG A 234 2.83 -6.41 -7.43
CA ARG A 234 1.79 -7.24 -8.01
C ARG A 234 2.37 -8.55 -8.53
N HIS A 235 3.54 -8.45 -9.14
CA HIS A 235 4.18 -9.64 -9.68
C HIS A 235 4.60 -10.66 -8.63
N ILE A 236 5.11 -10.20 -7.49
CA ILE A 236 5.58 -11.16 -6.49
C ILE A 236 4.49 -11.69 -5.56
N HIS A 237 3.43 -10.91 -5.41
CA HIS A 237 2.37 -11.33 -4.52
C HIS A 237 1.76 -12.64 -4.99
N ARG A 238 1.74 -13.62 -4.08
CA ARG A 238 1.12 -14.90 -4.43
C ARG A 238 -0.18 -15.03 -3.62
N SER A 239 -0.08 -14.96 -2.31
CA SER A 239 -1.28 -15.07 -1.48
C SER A 239 -1.17 -14.24 -0.20
N GLY A 240 -2.27 -14.17 0.55
CA GLY A 240 -2.26 -13.42 1.79
C GLY A 240 -2.48 -11.93 1.57
N PRO A 241 -2.86 -11.21 2.63
CA PRO A 241 -3.07 -9.78 2.46
C PRO A 241 -1.72 -9.08 2.24
N ILE A 242 -1.75 -7.98 1.51
CA ILE A 242 -0.52 -7.20 1.30
C ILE A 242 -0.48 -6.16 2.39
N ILE A 243 0.57 -6.15 3.20
CA ILE A 243 0.67 -5.11 4.23
C ILE A 243 1.11 -3.80 3.58
N THR A 244 0.30 -2.75 3.70
CA THR A 244 0.71 -1.45 3.17
C THR A 244 0.80 -0.50 4.36
N HIS A 245 1.96 0.06 4.62
CA HIS A 245 2.05 1.02 5.69
C HIS A 245 2.98 2.14 5.31
N CYS A 246 2.88 3.23 6.04
CA CYS A 246 3.73 4.38 5.84
C CYS A 246 3.97 4.86 7.27
N SER A 247 3.65 6.10 7.60
CA SER A 247 3.83 6.53 8.98
C SER A 247 2.48 6.40 9.72
N ALA A 248 1.47 7.11 9.23
CA ALA A 248 0.13 7.06 9.85
C ALA A 248 -0.71 5.90 9.29
N GLY A 249 -0.30 5.41 8.14
CA GLY A 249 -1.02 4.32 7.49
C GLY A 249 -2.28 4.77 6.77
N ILE A 250 -2.36 6.04 6.34
CA ILE A 250 -3.56 6.47 5.63
C ILE A 250 -3.29 7.22 4.32
N GLY A 251 -2.29 8.11 4.32
CA GLY A 251 -2.02 8.90 3.12
C GLY A 251 -1.36 8.19 1.95
N ARG A 252 -0.09 7.86 2.14
CA ARG A 252 0.63 7.20 1.06
C ARG A 252 0.10 5.80 0.81
N SER A 253 -0.31 5.11 1.86
CA SER A 253 -0.86 3.77 1.71
C SER A 253 -2.20 3.81 0.95
N GLY A 254 -3.01 4.81 1.25
CA GLY A 254 -4.29 4.90 0.59
C GLY A 254 -4.12 5.24 -0.88
N THR A 255 -3.16 6.11 -1.18
CA THR A 255 -2.92 6.50 -2.56
C THR A 255 -2.39 5.30 -3.31
N LEU A 256 -1.51 4.53 -2.68
CA LEU A 256 -0.98 3.32 -3.31
C LEU A 256 -2.13 2.35 -3.62
N ILE A 257 -3.01 2.13 -2.65
CA ILE A 257 -4.11 1.19 -2.87
C ILE A 257 -5.01 1.62 -4.01
N CYS A 258 -5.38 2.90 -4.02
CA CYS A 258 -6.24 3.42 -5.07
C CYS A 258 -5.66 3.13 -6.45
N ILE A 259 -4.38 3.47 -6.64
CA ILE A 259 -3.73 3.28 -7.94
C ILE A 259 -3.67 1.80 -8.31
N ASP A 260 -3.21 0.98 -7.36
CA ASP A 260 -3.13 -0.46 -7.55
C ASP A 260 -4.49 -0.99 -8.03
N VAL A 261 -5.55 -0.63 -7.32
CA VAL A 261 -6.88 -1.08 -7.70
C VAL A 261 -7.31 -0.59 -9.09
N VAL A 262 -7.12 0.70 -9.39
CA VAL A 262 -7.53 1.21 -10.70
C VAL A 262 -6.80 0.48 -11.83
N LEU A 263 -5.52 0.23 -11.65
CA LEU A 263 -4.75 -0.47 -12.67
C LEU A 263 -5.32 -1.88 -12.82
N GLY A 264 -5.73 -2.50 -11.72
CA GLY A 264 -6.31 -3.82 -11.81
C GLY A 264 -7.63 -3.80 -12.56
N LEU A 265 -8.41 -2.74 -12.36
CA LEU A 265 -9.68 -2.63 -13.05
C LEU A 265 -9.46 -2.46 -14.56
N ILE A 266 -8.52 -1.58 -14.91
CA ILE A 266 -8.20 -1.35 -16.31
C ILE A 266 -7.75 -2.67 -16.97
N SER A 267 -7.00 -3.46 -16.20
CA SER A 267 -6.50 -4.75 -16.70
C SER A 267 -7.59 -5.75 -17.05
N GLN A 268 -8.78 -5.58 -16.49
CA GLN A 268 -9.90 -6.50 -16.78
C GLN A 268 -10.95 -5.80 -17.65
N ASP A 269 -10.57 -4.70 -18.28
CA ASP A 269 -11.46 -3.94 -19.15
C ASP A 269 -12.69 -3.44 -18.42
N LEU A 270 -12.50 -3.01 -17.18
CA LEU A 270 -13.61 -2.52 -16.40
C LEU A 270 -13.51 -1.02 -16.17
N ASP A 271 -14.65 -0.42 -15.89
CA ASP A 271 -14.76 1.00 -15.57
C ASP A 271 -14.16 1.18 -14.18
N PHE A 272 -13.94 2.43 -13.80
CA PHE A 272 -13.42 2.73 -12.47
C PHE A 272 -13.95 4.10 -12.09
N ASP A 273 -14.13 4.31 -10.79
CA ASP A 273 -14.58 5.61 -10.30
C ASP A 273 -13.73 5.85 -9.07
N ILE A 274 -12.80 6.77 -9.18
CA ILE A 274 -11.90 7.03 -8.08
C ILE A 274 -12.57 7.49 -6.79
N SER A 275 -13.61 8.29 -6.91
CA SER A 275 -14.31 8.76 -5.72
C SER A 275 -14.93 7.60 -4.95
N ASP A 276 -15.58 6.70 -5.68
CA ASP A 276 -16.23 5.54 -5.08
C ASP A 276 -15.19 4.64 -4.43
N LEU A 277 -14.05 4.53 -5.09
CA LEU A 277 -12.99 3.70 -4.57
C LEU A 277 -12.45 4.27 -3.25
N VAL A 278 -12.17 5.57 -3.22
CA VAL A 278 -11.66 6.17 -2.00
C VAL A 278 -12.70 6.13 -0.89
N ARG A 279 -13.96 6.27 -1.25
CA ARG A 279 -15.05 6.19 -0.28
C ARG A 279 -15.04 4.78 0.35
N CYS A 280 -14.88 3.77 -0.50
CA CYS A 280 -14.85 2.37 -0.05
C CYS A 280 -13.70 2.12 0.93
N MET A 281 -12.55 2.72 0.65
CA MET A 281 -11.40 2.58 1.50
C MET A 281 -11.63 3.27 2.83
N ARG A 282 -12.21 4.47 2.77
CA ARG A 282 -12.44 5.27 3.96
C ARG A 282 -13.47 4.68 4.93
N LEU A 283 -14.30 3.78 4.44
CA LEU A 283 -15.27 3.14 5.33
C LEU A 283 -14.63 1.91 5.99
N GLN A 284 -13.36 1.65 5.69
CA GLN A 284 -12.65 0.52 6.30
C GLN A 284 -11.52 1.02 7.17
N ARG A 285 -10.94 2.16 6.81
CA ARG A 285 -9.92 2.80 7.63
C ARG A 285 -10.11 4.28 7.36
N HIS A 286 -10.39 5.05 8.41
CA HIS A 286 -10.67 6.47 8.25
C HIS A 286 -9.49 7.27 7.67
N GLY A 287 -9.83 8.21 6.80
CA GLY A 287 -8.82 9.11 6.24
C GLY A 287 -7.93 8.67 5.08
N MET A 288 -8.14 7.49 4.52
CA MET A 288 -7.30 7.02 3.39
C MET A 288 -7.24 8.08 2.27
N VAL A 289 -6.02 8.35 1.84
CA VAL A 289 -5.67 9.36 0.81
C VAL A 289 -5.87 10.66 1.56
N GLN A 290 -4.76 11.15 2.09
CA GLN A 290 -4.74 12.30 2.97
C GLN A 290 -4.87 13.71 2.42
N THR A 291 -4.19 13.98 1.31
CA THR A 291 -4.21 15.32 0.77
C THR A 291 -4.87 15.46 -0.59
N GLU A 292 -5.22 16.70 -0.90
CA GLU A 292 -5.83 17.03 -2.18
C GLU A 292 -4.85 16.58 -3.29
N ASP A 293 -3.58 16.91 -3.13
CA ASP A 293 -2.61 16.55 -4.15
C ASP A 293 -2.44 15.02 -4.30
N GLN A 294 -2.61 14.27 -3.21
CA GLN A 294 -2.50 12.82 -3.35
C GLN A 294 -3.71 12.32 -4.11
N TYR A 295 -4.88 12.89 -3.85
CA TYR A 295 -6.07 12.45 -4.56
C TYR A 295 -5.93 12.81 -6.06
N ILE A 296 -5.46 14.02 -6.35
CA ILE A 296 -5.27 14.44 -7.74
C ILE A 296 -4.23 13.54 -8.41
N PHE A 297 -3.19 13.21 -7.66
CA PHE A 297 -2.15 12.32 -8.15
C PHE A 297 -2.74 10.99 -8.64
N CYS A 298 -3.76 10.49 -7.95
CA CYS A 298 -4.35 9.21 -8.40
C CYS A 298 -4.84 9.40 -9.84
N TYR A 299 -5.49 10.54 -10.10
CA TYR A 299 -5.99 10.82 -11.44
C TYR A 299 -4.82 11.05 -12.41
N GLN A 300 -3.84 11.83 -11.99
CA GLN A 300 -2.71 12.14 -12.88
C GLN A 300 -1.93 10.90 -13.30
N VAL A 301 -1.66 10.00 -12.37
CA VAL A 301 -0.86 8.85 -12.72
C VAL A 301 -1.62 7.85 -13.57
N ILE A 302 -2.94 7.79 -13.43
CA ILE A 302 -3.71 6.87 -14.25
C ILE A 302 -3.74 7.48 -15.67
N LEU A 303 -3.95 8.79 -15.75
CA LEU A 303 -3.96 9.46 -17.05
C LEU A 303 -2.61 9.19 -17.73
N TYR A 304 -1.55 9.33 -16.95
CA TYR A 304 -0.20 9.11 -17.44
C TYR A 304 -0.05 7.68 -17.98
N VAL A 305 -0.51 6.71 -17.20
CA VAL A 305 -0.43 5.31 -17.63
C VAL A 305 -1.19 5.11 -18.93
N LEU A 306 -2.36 5.71 -19.04
CA LEU A 306 -3.15 5.56 -20.24
C LEU A 306 -2.49 6.20 -21.45
N THR A 307 -1.80 7.32 -21.24
CA THR A 307 -1.13 7.96 -22.38
C THR A 307 0.04 7.10 -22.86
N ARG A 308 0.73 6.44 -21.93
CA ARG A 308 1.83 5.55 -22.29
C ARG A 308 1.31 4.34 -23.08
N LEU A 309 0.13 3.86 -22.67
CA LEU A 309 -0.50 2.73 -23.32
C LEU A 309 -0.78 3.10 -24.77
N GLN A 310 -1.31 4.30 -24.94
CA GLN A 310 -1.63 4.80 -26.27
C GLN A 310 -0.36 4.92 -27.10
N ALA A 311 0.73 5.36 -26.48
CA ALA A 311 2.00 5.53 -27.18
C ALA A 311 2.50 4.17 -27.68
N GLU A 312 2.38 3.15 -26.85
CA GLU A 312 2.82 1.82 -27.25
C GLU A 312 1.91 1.26 -28.34
N GLU A 313 0.62 1.54 -28.23
CA GLU A 313 -0.35 1.06 -29.20
C GLU A 313 0.02 1.55 -30.58
N GLU A 314 0.34 2.83 -30.71
CA GLU A 314 0.73 3.36 -32.01
C GLU A 314 2.16 2.95 -32.31
N GLN A 315 2.52 1.77 -31.83
CA GLN A 315 3.84 1.14 -31.97
C GLN A 315 4.34 1.14 -33.40
#